data_7SHV
#
_entry.id   7SHV
#
_cell.length_a   98.638
_cell.length_b   98.638
_cell.length_c   159.136
_cell.angle_alpha   90.000
_cell.angle_beta   90.000
_cell.angle_gamma   90.000
#
_symmetry.space_group_name_H-M   'P 41 21 2'
#
loop_
_entity.id
_entity.type
_entity.pdbx_description
1 polymer 'Serine/threonine-protein kinase B-raf'
2 non-polymer 2-{4-[(1E)-1-(hydroxyimino)-2,3-dihydro-1H-inden-5-yl]-3-(pyridin-4-yl)-1H-pyrazol-1-yl}ethanol
3 non-polymer 'CHLORIDE ION'
4 water water
#
_entity_poly.entity_id   1
_entity_poly.type   'polypeptide(L)'
_entity_poly.pdbx_seq_one_letter_code
;MDRGSHHHHHHGSEDRNRMKTLGRRDSSDDWEIPDGQITVGQRIGSGSFGTVYKGKWHGDVAVKMLNVTAPTPQQLQAFK
NEVGVLRKTRHVNILLFMGYSTKPQLAIVTQWCEGSSLYHHLHIIETKFEMIKLIDIARQTAQGMDYLHAKSIIHRDLKS
NNIFLHEDLTVKIGDFGLATVKSRWSGSHQFEQLSGSILWMAPEVIRMQDKNPYSFQSDVYAFGIVLYELMTGQLPYSNI
NNRDQIIFMVGRGYLSPDLSKVRSNCPKAMKRLMAECLKKKRDERPLFPQILASIELLARSLPKIHRL
;
_entity_poly.pdbx_strand_id   A,B
#
loop_
_chem_comp.id
_chem_comp.type
_chem_comp.name
_chem_comp.formula
29L non-polymer 2-{4-[(1E)-1-(hydroxyimino)-2,3-dihydro-1H-inden-5-yl]-3-(pyridin-4-yl)-1H-pyrazol-1-yl}ethanol 'C19 H18 N4 O2'
CL non-polymer 'CHLORIDE ION' 'Cl -1'
#
# COMPACT_ATOMS: atom_id res chain seq x y z
N ASP A 30 3.90 3.35 18.06
CA ASP A 30 5.03 2.41 17.82
C ASP A 30 4.56 1.31 16.87
N TRP A 31 5.50 0.51 16.37
CA TRP A 31 5.14 -0.53 15.37
C TRP A 31 5.58 -1.89 15.89
N GLU A 32 5.91 -1.98 17.17
CA GLU A 32 6.27 -3.30 17.76
C GLU A 32 5.00 -4.12 17.93
N ILE A 33 4.88 -5.23 17.22
CA ILE A 33 3.72 -6.13 17.38
C ILE A 33 4.01 -7.04 18.58
N PRO A 34 3.21 -6.99 19.66
CA PRO A 34 3.51 -7.78 20.87
C PRO A 34 3.59 -9.25 20.54
N ASP A 35 4.53 -9.93 21.20
CA ASP A 35 4.79 -11.31 20.87
C ASP A 35 3.48 -12.12 20.91
N GLY A 36 3.31 -12.98 19.90
CA GLY A 36 2.18 -13.86 19.83
C GLY A 36 1.14 -13.46 18.81
N GLN A 37 1.15 -12.22 18.34
CA GLN A 37 0.15 -11.78 17.36
C GLN A 37 0.45 -12.31 15.97
N ILE A 38 1.73 -12.31 15.57
CA ILE A 38 2.10 -12.79 14.24
C ILE A 38 2.03 -14.31 14.20
N THR A 39 1.44 -14.85 13.14
CA THR A 39 1.35 -16.29 12.91
C THR A 39 2.29 -16.65 11.77
N VAL A 40 3.32 -17.41 12.06
CA VAL A 40 4.35 -17.73 11.07
C VAL A 40 3.92 -18.98 10.31
N GLY A 41 3.60 -18.81 9.03
CA GLY A 41 3.28 -19.91 8.17
C GLY A 41 4.50 -20.50 7.48
N GLN A 42 4.49 -20.49 6.14
CA GLN A 42 5.47 -21.22 5.35
C GLN A 42 6.74 -20.43 5.10
N ARG A 43 7.85 -21.17 5.03
CA ARG A 43 9.13 -20.58 4.69
C ARG A 43 9.18 -20.31 3.20
N ILE A 44 9.24 -19.02 2.84
CA ILE A 44 9.29 -18.58 1.44
C ILE A 44 10.71 -18.52 0.91
N GLY A 45 11.63 -18.02 1.73
CA GLY A 45 13.02 -17.89 1.29
C GLY A 45 13.85 -17.11 2.27
N SER A 46 14.82 -16.35 1.76
CA SER A 46 15.74 -15.61 2.64
C SER A 46 15.75 -14.13 2.28
N GLY A 47 16.06 -13.28 3.26
CA GLY A 47 16.11 -11.83 3.02
C GLY A 47 17.42 -11.25 3.47
N SER A 48 17.52 -9.93 3.55
CA SER A 48 18.80 -9.28 3.91
C SER A 48 19.43 -10.02 5.08
N PHE A 49 18.77 -10.04 6.23
CA PHE A 49 19.40 -10.67 7.41
C PHE A 49 18.43 -11.67 8.06
N GLY A 50 17.83 -12.54 7.25
CA GLY A 50 16.97 -13.57 7.84
C GLY A 50 16.19 -14.42 6.86
N THR A 51 15.23 -15.17 7.37
CA THR A 51 14.42 -16.07 6.51
C THR A 51 13.04 -15.43 6.33
N VAL A 52 12.51 -15.52 5.12
CA VAL A 52 11.19 -14.88 4.82
C VAL A 52 10.12 -15.96 4.89
N TYR A 53 9.05 -15.70 5.63
CA TYR A 53 7.94 -16.65 5.72
C TYR A 53 6.65 -15.92 5.40
N LYS A 54 5.65 -16.66 4.90
CA LYS A 54 4.32 -16.03 4.75
C LYS A 54 3.75 -16.04 6.15
N GLY A 55 2.87 -15.09 6.48
CA GLY A 55 2.42 -15.03 7.85
C GLY A 55 1.02 -14.45 7.91
N LYS A 56 0.49 -14.45 9.13
CA LYS A 56 -0.85 -13.86 9.34
C LYS A 56 -0.77 -12.83 10.47
N TRP A 57 -0.99 -11.55 10.16
CA TRP A 57 -1.06 -10.50 11.19
C TRP A 57 -2.01 -9.44 10.64
N HIS A 58 -3.24 -9.41 11.13
CA HIS A 58 -4.26 -8.49 10.56
C HIS A 58 -4.36 -8.80 9.07
N GLY A 59 -4.16 -10.06 8.72
CA GLY A 59 -4.24 -10.48 7.31
C GLY A 59 -2.97 -11.18 6.89
N ASP A 60 -2.81 -11.35 5.58
CA ASP A 60 -1.57 -11.96 5.05
C ASP A 60 -0.45 -10.94 5.13
N VAL A 61 0.73 -11.36 5.58
CA VAL A 61 1.88 -10.48 5.69
C VAL A 61 3.10 -11.30 5.31
N ALA A 62 4.17 -10.60 4.95
CA ALA A 62 5.47 -11.24 4.84
C ALA A 62 6.20 -11.02 6.14
N VAL A 63 6.93 -12.04 6.59
CA VAL A 63 7.67 -12.01 7.85
C VAL A 63 9.11 -12.32 7.54
N LYS A 64 10.02 -11.42 7.87
CA LYS A 64 11.46 -11.68 7.78
C LYS A 64 12.00 -11.84 9.19
N MET A 65 12.41 -13.06 9.53
CA MET A 65 12.83 -13.43 10.86
C MET A 65 14.28 -13.84 10.91
N LEU A 66 15.00 -13.31 11.90
CA LEU A 66 16.32 -13.82 12.29
C LEU A 66 16.14 -15.00 13.24
N ASN A 67 16.54 -16.21 12.80
CA ASN A 67 16.22 -17.46 13.52
C ASN A 67 17.14 -17.76 14.71
N VAL A 68 18.22 -16.99 14.93
CA VAL A 68 19.11 -17.29 16.04
C VAL A 68 18.33 -17.11 17.34
N THR A 69 18.76 -17.86 18.36
CA THR A 69 18.15 -17.72 19.67
C THR A 69 18.65 -16.47 20.39
N ALA A 70 19.97 -16.28 20.38
CA ALA A 70 20.53 -15.07 21.03
C ALA A 70 21.09 -14.11 19.98
N PRO A 71 20.30 -13.13 19.50
CA PRO A 71 20.76 -12.22 18.46
C PRO A 71 22.11 -11.58 18.79
N THR A 72 23.04 -11.64 17.84
CA THR A 72 24.37 -11.01 18.03
C THR A 72 24.20 -9.50 18.04
N PRO A 73 25.01 -8.75 18.81
CA PRO A 73 24.85 -7.31 18.89
C PRO A 73 24.74 -6.77 17.46
N GLN A 74 25.65 -7.22 16.60
CA GLN A 74 25.63 -6.76 15.18
C GLN A 74 24.26 -7.05 14.60
N GLN A 75 23.82 -8.31 14.71
CA GLN A 75 22.51 -8.69 14.14
C GLN A 75 21.47 -7.68 14.63
N LEU A 76 21.34 -7.57 15.94
CA LEU A 76 20.37 -6.61 16.50
C LEU A 76 20.55 -5.27 15.81
N GLN A 77 21.79 -4.87 15.57
CA GLN A 77 22.02 -3.53 14.98
C GLN A 77 21.27 -3.46 13.65
N ALA A 78 21.55 -4.41 12.75
CA ALA A 78 20.85 -4.40 11.45
C ALA A 78 19.35 -4.21 11.67
N PHE A 79 18.73 -5.13 12.40
CA PHE A 79 17.27 -5.04 12.65
C PHE A 79 16.90 -3.59 12.89
N LYS A 80 17.52 -2.97 13.89
CA LYS A 80 17.17 -1.57 14.26
C LYS A 80 17.31 -0.66 13.05
N ASN A 81 18.44 -0.75 12.36
CA ASN A 81 18.67 0.10 11.17
C ASN A 81 17.55 -0.13 10.18
N GLU A 82 17.45 -1.35 9.65
CA GLU A 82 16.41 -1.64 8.63
C GLU A 82 15.08 -1.07 9.09
N VAL A 83 14.69 -1.40 10.32
CA VAL A 83 13.39 -0.92 10.86
C VAL A 83 13.41 0.61 10.86
N GLY A 84 14.47 1.23 11.38
CA GLY A 84 14.49 2.69 11.33
C GLY A 84 14.37 3.22 9.92
N VAL A 85 15.01 2.54 8.97
CA VAL A 85 14.86 2.92 7.57
C VAL A 85 13.43 2.71 7.10
N LEU A 86 12.83 1.57 7.49
CA LEU A 86 11.51 1.23 6.96
C LEU A 86 10.42 2.13 7.52
N ARG A 87 10.56 2.58 8.79
CA ARG A 87 9.59 3.51 9.38
C ARG A 87 9.45 4.79 8.58
N LYS A 88 10.48 5.17 7.83
CA LYS A 88 10.47 6.41 7.08
C LYS A 88 9.95 6.25 5.65
N THR A 89 9.35 5.10 5.30
CA THR A 89 8.82 4.85 3.96
C THR A 89 7.30 4.65 3.98
N ARG A 90 6.62 5.36 3.09
CA ARG A 90 5.17 5.29 2.93
C ARG A 90 4.90 5.63 1.46
N HIS A 91 4.92 4.61 0.60
CA HIS A 91 4.79 4.88 -0.83
C HIS A 91 4.25 3.64 -1.53
N VAL A 92 3.45 3.88 -2.58
CA VAL A 92 2.84 2.77 -3.32
C VAL A 92 3.90 1.76 -3.75
N ASN A 93 5.06 2.24 -4.18
CA ASN A 93 6.06 1.39 -4.80
C ASN A 93 7.18 0.97 -3.85
N ILE A 94 6.89 1.03 -2.54
CA ILE A 94 7.85 0.52 -1.53
C ILE A 94 7.07 -0.45 -0.63
N LEU A 95 7.56 -1.69 -0.47
CA LEU A 95 6.87 -2.71 0.35
C LEU A 95 6.41 -2.08 1.66
N LEU A 96 5.12 -2.19 1.97
CA LEU A 96 4.58 -1.50 3.17
C LEU A 96 5.08 -2.17 4.43
N PHE A 97 6.00 -1.52 5.14
CA PHE A 97 6.41 -2.03 6.46
C PHE A 97 5.19 -1.91 7.35
N MET A 98 4.86 -2.97 8.08
CA MET A 98 3.62 -2.94 8.91
C MET A 98 4.01 -2.96 10.40
N GLY A 99 5.20 -3.46 10.72
CA GLY A 99 5.61 -3.48 12.10
C GLY A 99 6.76 -4.44 12.30
N TYR A 100 7.19 -4.54 13.56
CA TYR A 100 8.33 -5.38 13.90
C TYR A 100 8.05 -6.14 15.19
N SER A 101 8.90 -7.13 15.47
CA SER A 101 8.76 -8.03 16.60
C SER A 101 10.15 -8.35 17.13
N THR A 102 10.29 -8.39 18.45
CA THR A 102 11.56 -8.69 19.07
C THR A 102 11.59 -10.01 19.82
N LYS A 103 10.44 -10.56 20.19
CA LYS A 103 10.33 -11.81 20.92
C LYS A 103 9.19 -12.59 20.29
N PRO A 104 9.33 -13.91 20.11
CA PRO A 104 10.44 -14.81 20.47
C PRO A 104 11.75 -14.49 19.75
N GLN A 105 11.62 -14.01 18.51
CA GLN A 105 12.77 -13.72 17.66
C GLN A 105 12.51 -12.39 16.96
N LEU A 106 13.61 -11.80 16.45
CA LEU A 106 13.52 -10.56 15.70
C LEU A 106 12.83 -10.81 14.36
N ALA A 107 11.89 -9.92 14.00
CA ALA A 107 11.06 -10.11 12.83
C ALA A 107 10.57 -8.80 12.25
N ILE A 108 10.51 -8.72 10.93
CA ILE A 108 10.04 -7.56 10.20
C ILE A 108 8.82 -7.97 9.39
N VAL A 109 7.71 -7.24 9.56
CA VAL A 109 6.42 -7.63 9.00
C VAL A 109 6.02 -6.59 7.98
N THR A 110 5.86 -7.02 6.74
CA THR A 110 5.35 -6.15 5.71
C THR A 110 4.10 -6.79 5.13
N GLN A 111 3.45 -6.08 4.21
CA GLN A 111 2.34 -6.68 3.49
C GLN A 111 2.80 -7.92 2.75
N TRP A 112 1.83 -8.68 2.28
CA TRP A 112 2.08 -9.82 1.43
C TRP A 112 1.77 -9.44 -0.01
N CYS A 113 2.69 -9.78 -0.91
CA CYS A 113 2.56 -9.53 -2.34
C CYS A 113 2.23 -10.83 -3.04
N GLU A 114 1.03 -10.92 -3.58
CA GLU A 114 0.69 -12.06 -4.42
C GLU A 114 1.46 -11.97 -5.73
N GLY A 115 1.91 -13.11 -6.23
CA GLY A 115 2.79 -13.14 -7.38
C GLY A 115 4.20 -13.49 -6.95
N SER A 116 5.20 -12.95 -7.63
CA SER A 116 6.58 -13.25 -7.28
C SER A 116 7.46 -12.04 -7.55
N SER A 117 8.75 -12.18 -7.26
CA SER A 117 9.69 -11.12 -7.55
C SER A 117 9.97 -11.03 -9.04
N LEU A 118 10.50 -9.88 -9.44
CA LEU A 118 10.86 -9.65 -10.83
C LEU A 118 11.86 -10.69 -11.33
N TYR A 119 12.86 -11.00 -10.50
CA TYR A 119 13.79 -12.07 -10.82
C TYR A 119 13.04 -13.32 -11.19
N HIS A 120 12.04 -13.66 -10.40
CA HIS A 120 11.30 -14.87 -10.65
C HIS A 120 10.56 -14.80 -11.97
N HIS A 121 9.79 -13.73 -12.18
CA HIS A 121 9.03 -13.59 -13.42
C HIS A 121 9.93 -13.68 -14.64
N LEU A 122 11.09 -13.04 -14.58
CA LEU A 122 11.89 -12.85 -15.78
C LEU A 122 12.76 -14.05 -16.06
N HIS A 123 13.28 -14.67 -15.01
CA HIS A 123 14.37 -15.62 -15.14
C HIS A 123 14.03 -17.03 -14.70
N ILE A 124 12.96 -17.24 -13.94
CA ILE A 124 12.58 -18.57 -13.50
C ILE A 124 11.36 -19.08 -14.26
N ILE A 125 10.28 -18.30 -14.28
CA ILE A 125 9.04 -18.73 -14.90
C ILE A 125 8.83 -18.12 -16.28
N GLU A 126 9.76 -17.28 -16.72
CA GLU A 126 9.81 -16.80 -18.09
C GLU A 126 8.49 -16.14 -18.48
N THR A 127 7.96 -15.29 -17.58
CA THR A 127 6.76 -14.55 -17.91
C THR A 127 7.07 -13.62 -19.06
N LYS A 128 6.25 -13.65 -20.10
CA LYS A 128 6.51 -12.76 -21.22
C LYS A 128 5.55 -11.57 -21.06
N PHE A 129 6.10 -10.43 -20.62
CA PHE A 129 5.32 -9.20 -20.49
C PHE A 129 5.30 -8.44 -21.80
N GLU A 130 4.19 -7.75 -22.05
CA GLU A 130 4.12 -6.83 -23.15
C GLU A 130 4.96 -5.60 -22.85
N MET A 131 5.49 -4.99 -23.92
CA MET A 131 6.47 -3.92 -23.76
C MET A 131 5.91 -2.78 -22.94
N ILE A 132 4.64 -2.43 -23.18
CA ILE A 132 4.05 -1.34 -22.42
C ILE A 132 4.00 -1.71 -20.94
N LYS A 133 3.76 -2.99 -20.64
CA LYS A 133 3.84 -3.46 -19.25
C LYS A 133 5.27 -3.38 -18.73
N LEU A 134 6.26 -3.68 -19.58
CA LEU A 134 7.66 -3.61 -19.16
C LEU A 134 8.03 -2.18 -18.78
N ILE A 135 7.63 -1.22 -19.62
CA ILE A 135 7.86 0.19 -19.30
C ILE A 135 7.09 0.58 -18.03
N ASP A 136 5.91 0.00 -17.79
CA ASP A 136 5.17 0.31 -16.56
C ASP A 136 5.93 -0.16 -15.33
N ILE A 137 6.40 -1.41 -15.35
CA ILE A 137 7.20 -1.95 -14.26
C ILE A 137 8.40 -1.07 -13.99
N ALA A 138 9.07 -0.64 -15.07
CA ALA A 138 10.23 0.23 -14.98
C ALA A 138 9.87 1.57 -14.34
N ARG A 139 8.87 2.27 -14.90
CA ARG A 139 8.42 3.55 -14.37
C ARG A 139 8.10 3.45 -12.89
N GLN A 140 7.42 2.38 -12.50
CA GLN A 140 7.08 2.23 -11.10
C GLN A 140 8.33 2.08 -10.25
N THR A 141 9.27 1.24 -10.69
CA THR A 141 10.51 1.08 -9.93
C THR A 141 11.21 2.41 -9.75
N ALA A 142 11.26 3.20 -10.82
CA ALA A 142 11.84 4.53 -10.69
C ALA A 142 11.02 5.39 -9.74
N GLN A 143 9.69 5.30 -9.82
CA GLN A 143 8.81 6.03 -8.91
C GLN A 143 9.21 5.77 -7.45
N GLY A 144 9.39 4.49 -7.13
CA GLY A 144 9.78 4.13 -5.78
C GLY A 144 11.19 4.56 -5.41
N MET A 145 12.13 4.38 -6.33
CA MET A 145 13.51 4.75 -6.05
C MET A 145 13.68 6.27 -5.95
N ASP A 146 12.98 7.04 -6.78
CA ASP A 146 12.93 8.48 -6.58
C ASP A 146 12.44 8.80 -5.19
N TYR A 147 11.34 8.16 -4.76
CA TYR A 147 10.88 8.35 -3.38
C TYR A 147 12.04 8.16 -2.42
N LEU A 148 12.67 6.99 -2.47
CA LEU A 148 13.76 6.65 -1.58
C LEU A 148 14.87 7.70 -1.57
N HIS A 149 15.25 8.20 -2.76
CA HIS A 149 16.39 9.12 -2.82
C HIS A 149 16.04 10.50 -2.30
N ALA A 150 14.83 10.96 -2.60
CA ALA A 150 14.40 12.25 -2.03
C ALA A 150 14.44 12.14 -0.51
N LYS A 151 14.44 10.92 0.00
CA LYS A 151 14.41 10.73 1.48
C LYS A 151 15.83 10.38 1.94
N SER A 152 16.82 10.47 1.06
CA SER A 152 18.25 10.23 1.43
C SER A 152 18.48 8.77 1.79
N ILE A 153 17.68 7.87 1.20
CA ILE A 153 17.84 6.45 1.44
C ILE A 153 18.56 5.86 0.23
N ILE A 154 19.63 5.12 0.49
CA ILE A 154 20.31 4.38 -0.56
C ILE A 154 19.96 2.92 -0.32
N HIS A 155 19.39 2.27 -1.34
CA HIS A 155 19.00 0.87 -1.18
C HIS A 155 20.23 -0.02 -1.00
N ARG A 156 21.21 0.11 -1.88
CA ARG A 156 22.49 -0.55 -1.80
C ARG A 156 22.40 -2.00 -2.23
N ASP A 157 21.19 -2.50 -2.59
CA ASP A 157 21.02 -3.87 -3.03
C ASP A 157 19.82 -4.03 -3.96
N LEU A 158 19.51 -3.01 -4.77
CA LEU A 158 18.44 -3.16 -5.76
C LEU A 158 18.76 -4.27 -6.76
N LYS A 159 17.83 -5.21 -6.89
CA LYS A 159 17.94 -6.31 -7.85
C LYS A 159 16.54 -6.71 -8.26
N SER A 160 16.43 -7.54 -9.30
CA SER A 160 15.10 -8.06 -9.60
C SER A 160 14.55 -8.88 -8.45
N ASN A 161 15.41 -9.61 -7.72
CA ASN A 161 14.96 -10.41 -6.59
CA ASN A 161 14.92 -10.41 -6.61
C ASN A 161 14.28 -9.56 -5.51
N ASN A 162 14.54 -8.25 -5.50
CA ASN A 162 14.00 -7.35 -4.48
C ASN A 162 12.86 -6.49 -4.98
N ILE A 163 12.42 -6.67 -6.21
CA ILE A 163 11.30 -5.92 -6.77
C ILE A 163 10.14 -6.90 -6.90
N PHE A 164 9.11 -6.69 -6.08
CA PHE A 164 7.96 -7.62 -6.06
C PHE A 164 6.77 -6.99 -6.78
N LEU A 165 6.10 -7.76 -7.64
CA LEU A 165 4.94 -7.23 -8.40
C LEU A 165 3.66 -7.78 -7.80
N HIS A 166 2.91 -6.93 -7.07
CA HIS A 166 1.68 -7.40 -6.39
C HIS A 166 0.54 -7.50 -7.40
N GLU A 167 -0.24 -8.57 -7.32
CA GLU A 167 -1.35 -8.78 -8.27
C GLU A 167 -0.81 -8.54 -9.67
N ASP A 168 0.45 -8.89 -9.91
CA ASP A 168 1.09 -8.69 -11.24
C ASP A 168 0.65 -7.33 -11.79
N LEU A 169 0.71 -6.29 -10.97
CA LEU A 169 0.29 -4.93 -11.40
C LEU A 169 1.16 -3.87 -10.74
N THR A 170 1.21 -3.85 -9.41
CA THR A 170 1.95 -2.78 -8.69
C THR A 170 3.35 -3.24 -8.30
N VAL A 171 4.35 -2.39 -8.52
CA VAL A 171 5.75 -2.74 -8.19
C VAL A 171 6.05 -2.23 -6.78
N LYS A 172 6.51 -3.11 -5.91
CA LYS A 172 6.91 -2.71 -4.54
C LYS A 172 8.35 -3.17 -4.32
N ILE A 173 9.22 -2.29 -3.81
CA ILE A 173 10.66 -2.64 -3.58
C ILE A 173 10.83 -3.04 -2.11
N GLY A 174 11.76 -3.96 -1.83
CA GLY A 174 11.91 -4.46 -0.45
C GLY A 174 13.33 -4.84 -0.06
N ASP A 175 13.50 -5.49 1.08
CA ASP A 175 14.83 -5.88 1.62
C ASP A 175 15.67 -4.62 1.82
N PHE A 176 15.42 -3.88 2.91
CA PHE A 176 16.12 -2.61 3.14
C PHE A 176 17.15 -2.79 4.27
N GLY A 177 17.76 -3.98 4.36
CA GLY A 177 18.75 -4.24 5.41
C GLY A 177 20.12 -3.77 4.99
N LEU A 178 20.45 -3.97 3.73
CA LEU A 178 21.74 -3.46 3.20
C LEU A 178 21.56 -1.97 2.91
N ALA A 179 20.33 -1.47 3.08
CA ALA A 179 20.02 -0.04 2.84
C ALA A 179 20.66 0.82 3.93
N THR A 180 20.56 2.15 3.77
CA THR A 180 21.19 3.06 4.72
C THR A 180 20.77 4.49 4.40
N VAL A 181 21.04 5.41 5.35
CA VAL A 181 20.73 6.82 5.22
C VAL A 181 21.96 7.69 5.50
N LYS A 182 22.28 8.60 4.58
CA LYS A 182 23.50 9.42 4.62
C LYS A 182 23.66 10.25 5.90
N SER A 195 26.78 -9.20 -0.15
CA SER A 195 25.77 -8.81 -1.15
C SER A 195 25.47 -9.98 -2.10
N GLY A 196 26.49 -10.58 -2.69
CA GLY A 196 26.25 -11.67 -3.67
C GLY A 196 25.42 -11.16 -4.83
N SER A 197 24.91 -9.93 -4.73
CA SER A 197 24.16 -9.32 -5.85
C SER A 197 25.18 -8.72 -6.81
N ILE A 198 25.99 -9.57 -7.44
CA ILE A 198 27.09 -9.00 -8.23
C ILE A 198 26.58 -8.24 -9.44
N LEU A 199 25.62 -8.79 -10.17
CA LEU A 199 25.27 -8.23 -11.46
C LEU A 199 24.72 -6.82 -11.38
N TRP A 200 24.16 -6.40 -10.26
CA TRP A 200 23.59 -5.06 -10.20
C TRP A 200 24.57 -4.04 -9.68
N MET A 201 25.80 -4.46 -9.34
CA MET A 201 26.72 -3.61 -8.59
C MET A 201 27.51 -2.72 -9.54
N ALA A 202 27.39 -1.42 -9.36
CA ALA A 202 28.13 -0.47 -10.19
C ALA A 202 29.63 -0.74 -10.07
N PRO A 203 30.38 -0.52 -11.15
CA PRO A 203 31.80 -0.88 -11.13
C PRO A 203 32.57 -0.30 -9.96
N GLU A 204 32.27 0.92 -9.51
CA GLU A 204 33.00 1.44 -8.35
C GLU A 204 32.65 0.68 -7.08
N VAL A 205 31.49 0.01 -7.06
CA VAL A 205 31.13 -0.84 -5.93
C VAL A 205 31.85 -2.17 -6.04
N ILE A 206 31.86 -2.75 -7.24
CA ILE A 206 32.62 -3.97 -7.47
C ILE A 206 34.09 -3.77 -7.09
N ARG A 207 34.62 -2.61 -7.47
CA ARG A 207 36.05 -2.30 -7.17
C ARG A 207 36.24 -2.18 -5.67
N MET A 208 35.29 -1.52 -4.98
CA MET A 208 35.36 -1.39 -3.51
C MET A 208 36.61 -0.61 -3.10
N GLN A 209 37.27 0.02 -4.07
CA GLN A 209 38.53 0.75 -3.79
C GLN A 209 38.20 2.20 -3.49
N ASP A 210 37.00 2.46 -2.97
CA ASP A 210 36.62 3.84 -2.61
C ASP A 210 35.99 3.83 -1.22
N LYS A 211 35.64 5.01 -0.71
CA LYS A 211 34.93 5.10 0.59
C LYS A 211 33.45 5.02 0.30
N ASN A 212 32.70 4.16 1.00
CA ASN A 212 31.27 3.99 0.66
C ASN A 212 31.11 4.15 -0.85
N PRO A 213 31.59 3.19 -1.66
CA PRO A 213 31.42 3.28 -3.09
C PRO A 213 29.93 3.36 -3.40
N TYR A 214 29.10 3.47 -2.37
CA TYR A 214 27.62 3.46 -2.58
C TYR A 214 27.11 4.88 -2.73
N SER A 215 26.30 5.10 -3.75
CA SER A 215 25.79 6.45 -4.05
C SER A 215 24.41 6.32 -4.68
N PHE A 216 23.70 7.42 -4.83
CA PHE A 216 22.40 7.36 -5.52
C PHE A 216 22.65 6.74 -6.88
N GLN A 217 23.87 6.86 -7.38
CA GLN A 217 24.20 6.34 -8.73
C GLN A 217 24.46 4.84 -8.65
N SER A 218 25.05 4.36 -7.55
CA SER A 218 25.19 2.90 -7.37
C SER A 218 23.80 2.33 -7.55
N ASP A 219 22.83 2.93 -6.86
CA ASP A 219 21.44 2.53 -7.05
C ASP A 219 21.02 2.71 -8.50
N VAL A 220 21.42 3.82 -9.13
CA VAL A 220 20.97 4.05 -10.50
C VAL A 220 21.51 2.97 -11.42
N TYR A 221 22.76 2.57 -11.21
CA TYR A 221 23.32 1.50 -12.03
C TYR A 221 22.56 0.20 -11.82
N ALA A 222 22.31 -0.13 -10.54
CA ALA A 222 21.50 -1.30 -10.22
C ALA A 222 20.18 -1.26 -10.97
N PHE A 223 19.50 -0.11 -10.90
CA PHE A 223 18.26 0.07 -11.64
C PHE A 223 18.47 -0.12 -13.15
N GLY A 224 19.57 0.40 -13.69
CA GLY A 224 19.85 0.23 -15.12
C GLY A 224 20.06 -1.21 -15.50
N ILE A 225 20.65 -2.00 -14.61
CA ILE A 225 20.73 -3.45 -14.82
C ILE A 225 19.33 -4.07 -14.78
N VAL A 226 18.50 -3.64 -13.83
CA VAL A 226 17.09 -4.09 -13.81
C VAL A 226 16.40 -3.77 -15.13
N LEU A 227 16.70 -2.60 -15.70
CA LEU A 227 16.20 -2.25 -17.02
C LEU A 227 16.69 -3.25 -18.06
N TYR A 228 17.96 -3.62 -18.01
CA TYR A 228 18.49 -4.63 -18.96
C TYR A 228 17.62 -5.87 -18.86
N GLU A 229 17.49 -6.41 -17.66
CA GLU A 229 16.70 -7.64 -17.44
C GLU A 229 15.31 -7.51 -18.06
N LEU A 230 14.66 -6.37 -17.84
CA LEU A 230 13.27 -6.19 -18.33
C LEU A 230 13.24 -6.20 -19.85
N MET A 231 14.12 -5.44 -20.49
CA MET A 231 14.04 -5.30 -21.97
C MET A 231 14.84 -6.40 -22.68
N THR A 232 15.58 -7.21 -21.93
CA THR A 232 16.32 -8.34 -22.53
C THR A 232 15.55 -9.62 -22.27
N GLY A 233 15.00 -9.76 -21.08
CA GLY A 233 14.30 -11.00 -20.71
C GLY A 233 15.27 -11.97 -20.09
N GLN A 234 16.53 -11.55 -19.98
CA GLN A 234 17.56 -12.39 -19.41
C GLN A 234 18.55 -11.54 -18.62
N LEU A 235 19.58 -12.28 -17.96
CA LEU A 235 20.57 -11.79 -17.03
C LEU A 235 21.80 -11.32 -17.80
N PRO A 236 22.45 -10.28 -17.31
CA PRO A 236 23.67 -9.79 -17.99
C PRO A 236 24.71 -10.89 -18.07
N TYR A 237 25.58 -10.78 -19.06
CA TYR A 237 26.78 -11.60 -19.10
C TYR A 237 26.46 -13.08 -19.13
N SER A 238 25.36 -13.45 -19.81
CA SER A 238 24.98 -14.86 -19.89
C SER A 238 26.04 -15.73 -20.58
N ASN A 239 26.89 -15.16 -21.43
CA ASN A 239 27.85 -16.01 -22.15
C ASN A 239 29.11 -16.31 -21.34
N ILE A 240 29.25 -15.75 -20.13
CA ILE A 240 30.37 -16.05 -19.24
C ILE A 240 29.83 -16.92 -18.11
N ASN A 241 30.54 -17.99 -17.80
CA ASN A 241 30.13 -18.90 -16.75
C ASN A 241 30.92 -18.73 -15.45
N ASN A 242 31.78 -17.71 -15.37
CA ASN A 242 32.72 -17.57 -14.26
C ASN A 242 32.47 -16.29 -13.49
N ARG A 243 31.88 -16.44 -12.28
CA ARG A 243 31.52 -15.28 -11.47
C ARG A 243 32.72 -14.39 -11.22
N ASP A 244 33.84 -14.98 -10.79
CA ASP A 244 35.04 -14.21 -10.60
C ASP A 244 35.36 -13.36 -11.82
N GLN A 245 35.32 -13.97 -13.01
CA GLN A 245 35.72 -13.22 -14.19
C GLN A 245 34.79 -12.05 -14.41
N ILE A 246 33.48 -12.28 -14.26
CA ILE A 246 32.52 -11.19 -14.42
C ILE A 246 32.89 -10.06 -13.48
N ILE A 247 33.09 -10.41 -12.21
CA ILE A 247 33.43 -9.44 -11.16
C ILE A 247 34.62 -8.59 -11.59
N PHE A 248 35.74 -9.24 -11.91
CA PHE A 248 36.96 -8.48 -12.29
C PHE A 248 36.69 -7.54 -13.44
N MET A 249 36.30 -8.08 -14.59
CA MET A 249 36.11 -7.24 -15.80
C MET A 249 35.17 -6.07 -15.50
N VAL A 250 33.98 -6.33 -14.96
CA VAL A 250 33.07 -5.23 -14.72
C VAL A 250 33.75 -4.19 -13.86
N GLY A 251 34.51 -4.62 -12.85
CA GLY A 251 35.19 -3.68 -11.99
C GLY A 251 36.23 -2.85 -12.71
N ARG A 252 36.98 -3.47 -13.62
CA ARG A 252 38.00 -2.76 -14.38
C ARG A 252 37.45 -2.13 -15.64
N GLY A 253 36.14 -2.20 -15.84
CA GLY A 253 35.52 -1.59 -16.98
C GLY A 253 35.73 -2.33 -18.29
N TYR A 254 36.25 -3.55 -18.23
CA TYR A 254 36.42 -4.32 -19.45
C TYR A 254 35.09 -4.91 -19.96
N LEU A 255 34.14 -5.09 -19.04
CA LEU A 255 32.85 -5.74 -19.41
C LEU A 255 31.69 -4.79 -19.21
N SER A 256 30.68 -4.88 -20.08
CA SER A 256 29.47 -4.04 -19.98
C SER A 256 28.29 -4.83 -20.51
N PRO A 257 27.04 -4.58 -20.06
CA PRO A 257 25.88 -5.27 -20.63
C PRO A 257 25.71 -5.03 -22.13
N ASP A 258 25.47 -6.10 -22.91
CA ASP A 258 25.26 -5.97 -24.37
C ASP A 258 23.86 -5.43 -24.64
N LEU A 259 23.71 -4.11 -24.69
CA LEU A 259 22.38 -3.50 -24.87
C LEU A 259 21.83 -3.89 -26.24
N SER A 260 22.67 -4.50 -27.09
CA SER A 260 22.23 -4.92 -28.45
C SER A 260 21.22 -6.05 -28.34
N LYS A 261 20.80 -6.40 -27.12
CA LYS A 261 19.89 -7.56 -26.93
C LYS A 261 18.50 -7.06 -26.55
N VAL A 262 18.32 -5.76 -26.43
CA VAL A 262 16.96 -5.20 -26.15
C VAL A 262 16.01 -5.72 -27.23
N ARG A 263 14.76 -5.95 -26.86
CA ARG A 263 13.76 -6.44 -27.86
C ARG A 263 13.57 -5.36 -28.91
N SER A 264 13.16 -5.75 -30.12
CA SER A 264 12.99 -4.78 -31.22
C SER A 264 12.00 -3.70 -30.82
N ASN A 265 11.07 -4.05 -29.92
CA ASN A 265 10.01 -3.09 -29.51
C ASN A 265 10.57 -2.13 -28.46
N CYS A 266 11.77 -2.39 -27.96
CA CYS A 266 12.32 -1.54 -26.87
C CYS A 266 12.49 -0.13 -27.41
N PRO A 267 11.70 0.87 -26.95
CA PRO A 267 11.90 2.23 -27.40
C PRO A 267 13.40 2.56 -27.39
N LYS A 268 13.89 3.23 -28.44
CA LYS A 268 15.32 3.57 -28.52
C LYS A 268 15.62 4.50 -27.36
N ALA A 269 14.75 5.48 -27.14
CA ALA A 269 14.92 6.36 -25.97
C ALA A 269 15.23 5.46 -24.79
N MET A 270 14.53 4.33 -24.72
CA MET A 270 14.71 3.47 -23.56
C MET A 270 16.12 2.89 -23.53
N LYS A 271 16.58 2.38 -24.67
CA LYS A 271 17.96 1.94 -24.82
C LYS A 271 18.93 3.05 -24.39
N ARG A 272 18.69 4.29 -24.84
CA ARG A 272 19.60 5.37 -24.46
C ARG A 272 19.55 5.64 -22.95
N LEU A 273 18.37 5.58 -22.35
CA LEU A 273 18.25 5.77 -20.89
C LEU A 273 19.04 4.71 -20.13
N MET A 274 18.82 3.44 -20.49
CA MET A 274 19.62 2.34 -19.95
C MET A 274 21.09 2.69 -19.94
N ALA A 275 21.60 3.08 -21.13
CA ALA A 275 23.00 3.43 -21.29
C ALA A 275 23.39 4.51 -20.31
N GLU A 276 22.55 5.54 -20.16
CA GLU A 276 22.87 6.58 -19.20
C GLU A 276 23.01 6.00 -17.78
N CYS A 277 22.11 5.07 -17.42
CA CYS A 277 22.15 4.49 -16.07
C CYS A 277 23.29 3.50 -15.89
N LEU A 278 23.74 2.89 -16.99
CA LEU A 278 24.76 1.83 -16.85
C LEU A 278 26.14 2.39 -17.19
N LYS A 279 26.31 3.70 -17.09
CA LYS A 279 27.62 4.33 -17.37
C LYS A 279 28.63 3.84 -16.33
N LYS A 280 29.87 3.60 -16.74
CA LYS A 280 30.89 3.00 -15.83
C LYS A 280 31.47 4.08 -14.93
N LYS A 281 31.05 5.32 -15.14
CA LYS A 281 31.56 6.44 -14.36
C LYS A 281 30.40 7.02 -13.56
N ARG A 282 30.48 6.85 -12.23
CA ARG A 282 29.44 7.29 -11.29
C ARG A 282 28.80 8.63 -11.66
N ASP A 283 29.60 9.66 -11.90
CA ASP A 283 29.05 11.03 -12.10
C ASP A 283 28.39 11.19 -13.48
N GLU A 284 28.52 10.20 -14.35
CA GLU A 284 27.96 10.33 -15.72
C GLU A 284 26.56 9.73 -15.73
N ARG A 285 26.06 9.33 -14.55
CA ARG A 285 24.76 8.62 -14.50
C ARG A 285 23.66 9.56 -14.02
N PRO A 286 22.41 9.37 -14.46
CA PRO A 286 21.31 10.26 -14.09
C PRO A 286 20.73 9.98 -12.70
N LEU A 287 20.05 10.96 -12.09
CA LEU A 287 19.39 10.66 -10.83
C LEU A 287 17.93 10.32 -11.07
N PHE A 288 17.25 9.93 -10.00
CA PHE A 288 15.96 9.33 -10.31
C PHE A 288 14.90 10.32 -10.76
N PRO A 289 14.90 11.57 -10.29
CA PRO A 289 13.91 12.50 -10.87
C PRO A 289 14.04 12.60 -12.38
N GLN A 290 15.27 12.69 -12.91
CA GLN A 290 15.47 12.77 -14.35
C GLN A 290 15.04 11.48 -15.05
N ILE A 291 15.40 10.33 -14.47
CA ILE A 291 15.01 9.04 -15.02
C ILE A 291 13.50 8.92 -15.06
N LEU A 292 12.84 9.27 -13.97
CA LEU A 292 11.39 9.28 -13.92
C LEU A 292 10.82 10.14 -15.03
N ALA A 293 11.30 11.38 -15.15
CA ALA A 293 10.76 12.26 -16.18
C ALA A 293 10.96 11.64 -17.56
N SER A 294 12.10 10.97 -17.76
CA SER A 294 12.39 10.36 -19.05
C SER A 294 11.41 9.23 -19.36
N ILE A 295 11.21 8.33 -18.40
CA ILE A 295 10.37 7.14 -18.69
C ILE A 295 8.92 7.58 -18.95
N GLU A 296 8.48 8.59 -18.21
CA GLU A 296 7.08 9.07 -18.33
C GLU A 296 6.89 9.64 -19.75
N LEU A 297 7.89 10.35 -20.26
CA LEU A 297 7.80 10.85 -21.66
C LEU A 297 7.75 9.62 -22.56
N LEU A 298 8.67 8.67 -22.37
CA LEU A 298 8.67 7.42 -23.17
C LEU A 298 7.24 6.89 -23.22
N ALA A 299 6.53 7.01 -22.11
CA ALA A 299 5.16 6.44 -22.03
C ALA A 299 4.22 7.22 -22.94
N ARG A 300 4.27 8.56 -22.90
CA ARG A 300 3.31 9.37 -23.68
C ARG A 300 3.17 8.75 -25.08
N SER A 301 4.29 8.35 -25.68
CA SER A 301 4.24 7.81 -27.06
C SER A 301 4.64 6.34 -27.06
N LEU A 302 3.74 5.45 -27.47
CA LEU A 302 4.10 4.02 -27.58
C LEU A 302 3.05 3.29 -28.43
N ASP B 30 10.05 12.03 10.23
CA ASP B 30 8.85 12.86 10.39
C ASP B 30 8.17 13.03 9.04
N TRP B 31 6.85 13.25 9.05
CA TRP B 31 6.01 13.17 7.85
C TRP B 31 5.68 14.52 7.26
N GLU B 32 6.18 15.61 7.83
CA GLU B 32 5.96 16.92 7.24
C GLU B 32 6.61 16.95 5.86
N ILE B 33 5.86 17.33 4.85
CA ILE B 33 6.39 17.50 3.50
C ILE B 33 6.70 18.99 3.31
N PRO B 34 7.95 19.35 2.99
CA PRO B 34 8.32 20.76 2.88
C PRO B 34 7.46 21.49 1.84
N ASP B 35 7.31 22.80 2.06
CA ASP B 35 6.49 23.62 1.18
C ASP B 35 6.95 23.45 -0.26
N GLY B 36 5.98 23.45 -1.17
CA GLY B 36 6.26 23.53 -2.58
C GLY B 36 6.38 22.21 -3.30
N GLN B 37 6.53 21.09 -2.58
CA GLN B 37 6.80 19.81 -3.22
C GLN B 37 5.55 19.17 -3.83
N ILE B 38 4.37 19.47 -3.26
CA ILE B 38 3.12 18.85 -3.74
C ILE B 38 2.54 19.73 -4.85
N THR B 39 2.25 19.10 -5.98
CA THR B 39 1.66 19.74 -7.15
C THR B 39 0.17 19.43 -7.20
N VAL B 40 -0.67 20.40 -6.89
CA VAL B 40 -2.12 20.18 -6.84
C VAL B 40 -2.69 20.21 -8.25
N GLY B 41 -3.32 19.11 -8.67
CA GLY B 41 -3.98 19.00 -9.96
C GLY B 41 -5.48 19.26 -9.90
N GLN B 42 -6.27 18.36 -10.50
CA GLN B 42 -7.72 18.54 -10.62
C GLN B 42 -8.41 18.52 -9.24
N ARG B 43 -9.61 19.13 -9.18
CA ARG B 43 -10.53 18.92 -8.07
C ARG B 43 -11.29 17.63 -8.32
N ILE B 44 -11.18 16.68 -7.39
CA ILE B 44 -11.80 15.38 -7.59
C ILE B 44 -13.16 15.33 -6.91
N GLY B 45 -13.25 15.96 -5.75
CA GLY B 45 -14.52 15.98 -5.03
C GLY B 45 -14.36 16.51 -3.62
N SER B 46 -15.28 16.18 -2.75
CA SER B 46 -15.25 16.73 -1.36
C SER B 46 -14.79 15.66 -0.39
N GLY B 47 -14.07 16.07 0.65
CA GLY B 47 -13.67 15.13 1.70
C GLY B 47 -14.42 15.48 2.97
N SER B 48 -14.03 14.91 4.10
CA SER B 48 -14.80 15.17 5.31
C SER B 48 -14.63 16.61 5.76
N PHE B 49 -13.39 17.02 6.07
CA PHE B 49 -13.16 18.42 6.39
C PHE B 49 -12.28 19.06 5.32
N GLY B 50 -12.67 18.95 4.06
CA GLY B 50 -11.85 19.53 3.01
C GLY B 50 -12.31 19.11 1.63
N THR B 51 -11.43 19.42 0.67
CA THR B 51 -11.65 19.24 -0.76
C THR B 51 -10.56 18.35 -1.34
N VAL B 52 -10.96 17.32 -2.05
CA VAL B 52 -10.01 16.33 -2.54
C VAL B 52 -9.67 16.61 -3.99
N TYR B 53 -8.37 16.49 -4.27
CA TYR B 53 -7.71 16.78 -5.51
C TYR B 53 -6.83 15.59 -5.86
N LYS B 54 -6.65 15.34 -7.15
CA LYS B 54 -5.51 14.52 -7.61
C LYS B 54 -4.25 15.38 -7.68
N GLY B 55 -3.13 14.79 -7.29
CA GLY B 55 -1.90 15.59 -7.23
C GLY B 55 -0.66 14.79 -7.54
N LYS B 56 0.50 15.37 -7.29
CA LYS B 56 1.77 14.69 -7.63
C LYS B 56 2.78 14.93 -6.52
N TRP B 57 3.31 13.85 -5.96
CA TRP B 57 4.37 13.94 -4.92
C TRP B 57 5.02 12.57 -4.89
N HIS B 58 6.13 12.41 -5.59
CA HIS B 58 6.78 11.08 -5.71
C HIS B 58 5.79 10.19 -6.43
N GLY B 59 4.93 10.79 -7.25
CA GLY B 59 3.98 10.01 -8.06
C GLY B 59 2.58 10.55 -7.92
N ASP B 60 1.61 9.86 -8.53
CA ASP B 60 0.20 10.27 -8.35
C ASP B 60 -0.18 10.10 -6.89
N VAL B 61 -0.78 11.13 -6.28
CA VAL B 61 -1.24 11.09 -4.91
C VAL B 61 -2.64 11.70 -4.86
N ALA B 62 -3.46 11.25 -3.93
CA ALA B 62 -4.65 11.98 -3.56
C ALA B 62 -4.26 13.03 -2.52
N VAL B 63 -4.81 14.23 -2.65
CA VAL B 63 -4.57 15.28 -1.67
C VAL B 63 -5.91 15.78 -1.18
N LYS B 64 -6.10 15.86 0.14
CA LYS B 64 -7.25 16.54 0.72
C LYS B 64 -6.78 17.84 1.33
N MET B 65 -7.34 18.96 0.86
CA MET B 65 -6.94 20.29 1.28
C MET B 65 -8.12 21.04 1.91
N LEU B 66 -7.85 21.70 3.01
CA LEU B 66 -8.80 22.63 3.60
C LEU B 66 -8.69 23.96 2.86
N ASN B 67 -9.67 24.27 2.00
CA ASN B 67 -9.59 25.45 1.12
C ASN B 67 -10.08 26.74 1.80
N VAL B 68 -9.40 27.07 2.90
CA VAL B 68 -9.65 28.26 3.68
C VAL B 68 -8.38 29.10 3.70
N THR B 69 -8.56 30.42 3.82
CA THR B 69 -7.41 31.30 3.93
C THR B 69 -6.90 31.37 5.37
N ALA B 70 -7.80 31.60 6.33
CA ALA B 70 -7.45 31.68 7.74
C ALA B 70 -8.00 30.46 8.49
N PRO B 71 -7.18 29.48 8.82
CA PRO B 71 -7.70 28.23 9.40
C PRO B 71 -8.04 28.38 10.88
N THR B 72 -9.35 28.36 11.19
CA THR B 72 -9.80 28.44 12.57
C THR B 72 -9.12 27.34 13.39
N PRO B 73 -9.13 27.46 14.72
CA PRO B 73 -8.52 26.37 15.52
C PRO B 73 -9.38 25.11 15.60
N GLN B 74 -10.67 25.17 15.22
CA GLN B 74 -11.43 23.93 15.09
C GLN B 74 -10.95 23.11 13.90
N GLN B 75 -10.59 23.77 12.80
CA GLN B 75 -10.09 22.99 11.68
C GLN B 75 -8.64 22.59 11.90
N LEU B 76 -7.83 23.45 12.51
CA LEU B 76 -6.48 23.05 12.90
C LEU B 76 -6.51 21.86 13.84
N GLN B 77 -7.52 21.80 14.70
CA GLN B 77 -7.68 20.65 15.57
C GLN B 77 -8.08 19.41 14.78
N ALA B 78 -9.08 19.54 13.90
CA ALA B 78 -9.47 18.41 13.06
C ALA B 78 -8.29 17.85 12.27
N PHE B 79 -7.45 18.75 11.77
CA PHE B 79 -6.23 18.39 11.02
C PHE B 79 -5.23 17.64 11.90
N LYS B 80 -4.83 18.25 13.02
CA LYS B 80 -3.86 17.58 13.89
C LYS B 80 -4.39 16.21 14.34
N ASN B 81 -5.69 16.11 14.64
CA ASN B 81 -6.36 14.84 14.95
C ASN B 81 -6.18 13.81 13.85
N GLU B 82 -6.61 14.15 12.62
CA GLU B 82 -6.58 13.18 11.53
C GLU B 82 -5.15 12.77 11.18
N VAL B 83 -4.20 13.73 11.19
CA VAL B 83 -2.79 13.38 10.98
C VAL B 83 -2.35 12.39 12.05
N GLY B 84 -2.70 12.66 13.31
CA GLY B 84 -2.28 11.80 14.40
C GLY B 84 -2.80 10.39 14.27
N VAL B 85 -4.02 10.23 13.73
CA VAL B 85 -4.55 8.88 13.57
C VAL B 85 -3.89 8.20 12.36
N LEU B 86 -3.79 8.91 11.23
CA LEU B 86 -3.24 8.31 10.01
C LEU B 86 -1.78 7.89 10.17
N ARG B 87 -0.98 8.64 10.94
CA ARG B 87 0.39 8.22 11.25
C ARG B 87 0.43 6.79 11.80
N LYS B 88 -0.60 6.37 12.52
CA LYS B 88 -0.56 5.06 13.13
C LYS B 88 -1.09 3.95 12.22
N THR B 89 -1.40 4.25 10.96
CA THR B 89 -1.99 3.27 10.04
C THR B 89 -1.03 2.89 8.92
N ARG B 90 -0.80 1.60 8.79
CA ARG B 90 0.10 0.99 7.83
C ARG B 90 -0.50 -0.38 7.52
N HIS B 91 -1.48 -0.40 6.62
CA HIS B 91 -2.19 -1.65 6.30
C HIS B 91 -2.76 -1.58 4.89
N VAL B 92 -2.65 -2.69 4.15
CA VAL B 92 -2.98 -2.74 2.72
C VAL B 92 -4.40 -2.26 2.47
N ASN B 93 -5.29 -2.40 3.47
CA ASN B 93 -6.71 -2.08 3.34
C ASN B 93 -7.07 -0.75 3.97
N ILE B 94 -6.10 -0.06 4.57
CA ILE B 94 -6.24 1.33 4.97
C ILE B 94 -5.50 2.19 3.96
N LEU B 95 -6.16 3.24 3.48
CA LEU B 95 -5.59 4.12 2.47
C LEU B 95 -4.27 4.71 2.93
N LEU B 96 -3.24 4.56 2.11
CA LEU B 96 -1.87 4.80 2.56
C LEU B 96 -1.63 6.29 2.79
N PHE B 97 -1.48 6.66 4.05
CA PHE B 97 -1.00 7.97 4.39
C PHE B 97 0.43 8.12 3.89
N MET B 98 0.72 9.20 3.17
CA MET B 98 2.07 9.51 2.70
C MET B 98 2.67 10.74 3.37
N GLY B 99 1.86 11.74 3.71
CA GLY B 99 2.35 12.84 4.52
C GLY B 99 1.35 13.98 4.59
N TYR B 100 1.78 15.03 5.31
CA TYR B 100 0.98 16.25 5.49
C TYR B 100 1.80 17.49 5.16
N SER B 101 1.11 18.54 4.71
CA SER B 101 1.71 19.85 4.50
C SER B 101 0.95 20.90 5.31
N THR B 102 1.66 21.92 5.77
CA THR B 102 0.99 23.02 6.45
C THR B 102 0.92 24.28 5.59
N LYS B 103 1.77 24.40 4.56
CA LYS B 103 1.85 25.49 3.59
C LYS B 103 1.98 24.91 2.19
N PRO B 104 1.24 25.43 1.19
CA PRO B 104 0.36 26.60 1.11
C PRO B 104 -0.87 26.54 2.00
N GLN B 105 -1.39 25.33 2.15
CA GLN B 105 -2.59 25.05 2.91
C GLN B 105 -2.32 23.87 3.84
N LEU B 106 -3.30 23.58 4.70
CA LEU B 106 -3.35 22.33 5.46
C LEU B 106 -3.84 21.21 4.54
N ALA B 107 -3.08 20.11 4.49
CA ALA B 107 -3.35 19.07 3.51
C ALA B 107 -2.92 17.70 4.02
N ILE B 108 -3.62 16.68 3.54
CA ILE B 108 -3.31 15.28 3.80
C ILE B 108 -3.04 14.61 2.46
N VAL B 109 -1.89 13.96 2.31
CA VAL B 109 -1.53 13.31 1.06
C VAL B 109 -1.50 11.79 1.25
N THR B 110 -2.25 11.09 0.40
CA THR B 110 -2.32 9.63 0.37
C THR B 110 -1.98 9.11 -1.02
N GLN B 111 -1.85 7.79 -1.12
CA GLN B 111 -1.66 7.16 -2.41
C GLN B 111 -2.83 7.51 -3.31
N TRP B 112 -2.69 7.32 -4.62
CA TRP B 112 -3.80 7.57 -5.53
C TRP B 112 -4.42 6.25 -5.91
N CYS B 113 -5.73 6.17 -5.80
CA CYS B 113 -6.46 4.93 -6.05
C CYS B 113 -7.16 5.03 -7.39
N GLU B 114 -6.55 4.41 -8.41
CA GLU B 114 -7.19 4.35 -9.71
C GLU B 114 -8.38 3.41 -9.61
N GLY B 115 -9.52 3.87 -10.14
CA GLY B 115 -10.80 3.27 -9.87
C GLY B 115 -11.75 4.29 -9.25
N SER B 116 -12.55 3.83 -8.30
CA SER B 116 -13.48 4.76 -7.68
C SER B 116 -13.96 4.16 -6.36
N SER B 117 -14.77 4.93 -5.66
CA SER B 117 -15.33 4.48 -4.40
C SER B 117 -16.35 3.39 -4.65
N LEU B 118 -16.42 2.46 -3.70
CA LEU B 118 -17.46 1.44 -3.71
C LEU B 118 -18.84 2.03 -4.00
N TYR B 119 -19.12 3.23 -3.43
CA TYR B 119 -20.41 3.87 -3.69
C TYR B 119 -20.59 4.10 -5.17
N HIS B 120 -19.57 4.67 -5.81
CA HIS B 120 -19.63 4.91 -7.24
C HIS B 120 -19.96 3.62 -7.98
N HIS B 121 -19.26 2.54 -7.66
CA HIS B 121 -19.46 1.28 -8.36
C HIS B 121 -20.87 0.75 -8.20
N LEU B 122 -21.41 0.83 -6.97
CA LEU B 122 -22.66 0.14 -6.69
C LEU B 122 -23.87 0.97 -7.08
N HIS B 123 -23.79 2.30 -6.96
CA HIS B 123 -24.96 3.15 -7.13
C HIS B 123 -24.88 4.14 -8.28
N ILE B 124 -23.67 4.43 -8.76
CA ILE B 124 -23.51 5.40 -9.88
C ILE B 124 -23.37 4.63 -11.20
N ILE B 125 -22.37 3.76 -11.28
CA ILE B 125 -22.12 2.99 -12.53
C ILE B 125 -22.76 1.62 -12.37
N GLU B 126 -23.50 1.43 -11.28
CA GLU B 126 -24.15 0.12 -11.00
C GLU B 126 -23.27 -1.00 -11.56
N THR B 127 -22.00 -1.05 -11.14
CA THR B 127 -21.07 -2.10 -11.60
C THR B 127 -21.60 -3.45 -11.13
N LYS B 128 -21.35 -4.51 -11.91
CA LYS B 128 -21.86 -5.85 -11.57
C LYS B 128 -20.71 -6.74 -11.12
N PHE B 129 -20.31 -6.61 -9.86
CA PHE B 129 -19.27 -7.52 -9.32
C PHE B 129 -19.91 -8.90 -9.16
N GLU B 130 -19.08 -9.93 -9.06
CA GLU B 130 -19.61 -11.30 -8.84
C GLU B 130 -19.59 -11.58 -7.34
N MET B 131 -20.44 -12.49 -6.87
CA MET B 131 -20.51 -12.71 -5.41
C MET B 131 -19.09 -12.94 -4.91
N ILE B 132 -18.37 -13.86 -5.52
CA ILE B 132 -16.97 -14.14 -5.10
C ILE B 132 -16.28 -12.80 -4.85
N LYS B 133 -16.50 -11.82 -5.73
CA LYS B 133 -15.78 -10.53 -5.60
C LYS B 133 -16.43 -9.74 -4.46
N LEU B 134 -17.74 -9.66 -4.47
CA LEU B 134 -18.45 -8.94 -3.38
C LEU B 134 -17.99 -9.51 -2.05
N ILE B 135 -17.91 -10.84 -1.91
CA ILE B 135 -17.42 -11.38 -0.65
C ILE B 135 -15.97 -10.97 -0.41
N ASP B 136 -15.14 -10.97 -1.45
CA ASP B 136 -13.74 -10.56 -1.22
C ASP B 136 -13.67 -9.09 -0.81
N ILE B 137 -14.47 -8.22 -1.44
CA ILE B 137 -14.51 -6.81 -1.04
C ILE B 137 -14.91 -6.68 0.43
N ALA B 138 -15.93 -7.44 0.84
CA ALA B 138 -16.35 -7.44 2.24
C ALA B 138 -15.23 -7.95 3.16
N ARG B 139 -14.57 -9.06 2.79
CA ARG B 139 -13.42 -9.55 3.55
C ARG B 139 -12.35 -8.49 3.75
N GLN B 140 -12.02 -7.77 2.69
CA GLN B 140 -10.97 -6.77 2.77
C GLN B 140 -11.39 -5.60 3.64
N THR B 141 -12.62 -5.12 3.47
CA THR B 141 -13.09 -4.04 4.31
C THR B 141 -13.11 -4.45 5.77
N ALA B 142 -13.48 -5.70 6.05
CA ALA B 142 -13.36 -6.20 7.41
C ALA B 142 -11.92 -6.28 7.83
N GLN B 143 -11.02 -6.65 6.92
CA GLN B 143 -9.59 -6.69 7.21
C GLN B 143 -9.12 -5.31 7.66
N GLY B 144 -9.48 -4.29 6.88
CA GLY B 144 -9.10 -2.94 7.24
C GLY B 144 -9.71 -2.51 8.55
N MET B 145 -10.99 -2.85 8.77
CA MET B 145 -11.68 -2.47 9.99
C MET B 145 -11.08 -3.13 11.21
N ASP B 146 -10.76 -4.43 11.10
CA ASP B 146 -10.05 -5.16 12.14
C ASP B 146 -8.73 -4.48 12.47
N TYR B 147 -7.99 -4.02 11.46
CA TYR B 147 -6.66 -3.40 11.73
C TYR B 147 -6.85 -2.20 12.64
N LEU B 148 -7.75 -1.30 12.24
CA LEU B 148 -7.96 -0.05 13.01
C LEU B 148 -8.43 -0.38 14.42
N HIS B 149 -9.54 -1.08 14.55
CA HIS B 149 -10.14 -1.37 15.89
C HIS B 149 -9.10 -1.97 16.83
N ALA B 150 -8.04 -2.57 16.29
CA ALA B 150 -6.98 -3.19 17.11
C ALA B 150 -6.06 -2.11 17.64
N LYS B 151 -5.84 -1.07 16.84
CA LYS B 151 -5.01 0.07 17.28
C LYS B 151 -5.92 1.05 17.99
N SER B 152 -7.10 0.59 18.43
CA SER B 152 -8.05 1.43 19.17
C SER B 152 -8.49 2.63 18.31
N ILE B 153 -8.70 2.38 17.02
CA ILE B 153 -9.17 3.46 16.15
C ILE B 153 -10.61 3.19 15.74
N ILE B 154 -11.49 4.16 15.99
CA ILE B 154 -12.88 4.11 15.55
C ILE B 154 -13.00 5.03 14.36
N HIS B 155 -13.52 4.50 13.24
CA HIS B 155 -13.52 5.26 12.00
C HIS B 155 -14.62 6.32 11.97
N ARG B 156 -15.78 6.01 12.54
CA ARG B 156 -16.85 6.97 12.78
C ARG B 156 -17.49 7.51 11.50
N ASP B 157 -17.03 7.12 10.32
CA ASP B 157 -17.73 7.52 9.10
C ASP B 157 -17.57 6.45 8.02
N LEU B 158 -17.54 5.17 8.40
CA LEU B 158 -17.46 4.15 7.35
C LEU B 158 -18.67 4.21 6.46
N LYS B 159 -18.46 4.05 5.15
CA LYS B 159 -19.50 4.12 4.13
C LYS B 159 -18.84 3.79 2.80
N SER B 160 -19.65 3.40 1.81
CA SER B 160 -19.06 3.06 0.51
C SER B 160 -18.29 4.22 -0.06
N ASN B 161 -18.69 5.43 0.28
CA ASN B 161 -18.00 6.62 -0.17
C ASN B 161 -16.55 6.63 0.27
N ASN B 162 -16.24 6.03 1.42
CA ASN B 162 -14.91 6.04 1.98
C ASN B 162 -14.14 4.75 1.73
N ILE B 163 -14.68 3.85 0.90
CA ILE B 163 -14.02 2.61 0.51
C ILE B 163 -13.64 2.74 -0.95
N PHE B 164 -12.36 2.75 -1.25
CA PHE B 164 -11.89 2.92 -2.61
C PHE B 164 -11.34 1.61 -3.12
N LEU B 165 -11.54 1.38 -4.41
CA LEU B 165 -11.14 0.15 -5.07
C LEU B 165 -9.89 0.45 -5.88
N HIS B 166 -8.73 0.26 -5.25
CA HIS B 166 -7.45 0.37 -5.93
C HIS B 166 -7.34 -0.73 -6.97
N GLU B 167 -7.37 -0.36 -8.25
CA GLU B 167 -7.29 -1.27 -9.41
C GLU B 167 -8.40 -2.31 -9.39
N ASP B 168 -9.59 -1.91 -8.91
CA ASP B 168 -10.78 -2.76 -8.74
C ASP B 168 -10.48 -4.05 -7.96
N LEU B 169 -9.29 -4.13 -7.37
CA LEU B 169 -8.78 -5.27 -6.64
C LEU B 169 -8.78 -5.04 -5.14
N THR B 170 -8.02 -4.06 -4.69
CA THR B 170 -7.69 -3.89 -3.28
C THR B 170 -8.52 -2.79 -2.64
N VAL B 171 -9.18 -3.13 -1.56
CA VAL B 171 -10.01 -2.19 -0.82
C VAL B 171 -9.13 -1.33 0.06
N LYS B 172 -9.25 -0.02 -0.08
CA LYS B 172 -8.52 0.91 0.76
C LYS B 172 -9.53 1.81 1.46
N ILE B 173 -9.53 1.80 2.79
CA ILE B 173 -10.49 2.61 3.59
C ILE B 173 -9.88 3.99 3.87
N GLY B 174 -10.68 5.06 3.81
CA GLY B 174 -10.12 6.41 3.95
C GLY B 174 -11.02 7.43 4.63
N ASP B 175 -10.65 8.71 4.57
CA ASP B 175 -11.40 9.81 5.24
C ASP B 175 -11.43 9.55 6.75
N PHE B 176 -10.29 9.65 7.39
CA PHE B 176 -10.21 9.42 8.85
C PHE B 176 -10.42 10.75 9.57
N GLY B 177 -11.02 11.71 8.87
CA GLY B 177 -11.31 13.02 9.49
C GLY B 177 -12.17 12.82 10.72
N LEU B 178 -13.31 12.17 10.56
CA LEU B 178 -14.20 11.90 11.67
C LEU B 178 -13.62 10.86 12.63
N ALA B 179 -12.61 10.11 12.22
CA ALA B 179 -12.09 9.07 13.08
C ALA B 179 -11.47 9.64 14.35
N THR B 180 -11.27 8.74 15.31
CA THR B 180 -10.78 9.03 16.65
C THR B 180 -10.11 7.78 17.19
N VAL B 181 -9.35 7.96 18.27
CA VAL B 181 -8.70 6.81 18.96
C VAL B 181 -9.30 6.71 20.36
N LYS B 182 -9.92 5.58 20.69
CA LYS B 182 -10.59 5.38 21.99
C LYS B 182 -9.78 5.98 23.15
N SER B 183 -10.46 6.68 24.07
CA SER B 183 -9.79 7.27 25.25
C SER B 183 -8.45 7.91 24.85
N SER B 195 -22.19 13.62 11.39
CA SER B 195 -21.96 14.06 10.01
C SER B 195 -23.27 14.34 9.21
N GLY B 196 -23.29 13.86 7.96
CA GLY B 196 -24.45 13.93 7.07
C GLY B 196 -24.60 12.66 6.25
N SER B 197 -23.90 11.59 6.65
CA SER B 197 -23.91 10.29 5.97
C SER B 197 -24.80 9.32 6.75
N ILE B 198 -26.11 9.51 6.60
CA ILE B 198 -27.05 8.97 7.57
C ILE B 198 -27.20 7.46 7.45
N LEU B 199 -27.27 6.97 6.21
CA LEU B 199 -27.60 5.56 6.01
C LEU B 199 -26.65 4.62 6.74
N TRP B 200 -25.41 5.04 6.99
CA TRP B 200 -24.49 4.15 7.68
C TRP B 200 -24.51 4.35 9.18
N MET B 201 -25.43 5.14 9.69
CA MET B 201 -25.38 5.60 11.06
C MET B 201 -26.21 4.69 11.96
N ALA B 202 -25.55 4.05 12.92
CA ALA B 202 -26.22 3.17 13.86
C ALA B 202 -27.31 3.94 14.60
N PRO B 203 -28.35 3.22 15.09
CA PRO B 203 -29.42 3.90 15.84
C PRO B 203 -28.90 4.76 16.98
N GLU B 204 -28.07 4.19 17.85
CA GLU B 204 -27.57 4.93 19.01
C GLU B 204 -26.75 6.14 18.61
N VAL B 205 -26.13 6.10 17.43
CA VAL B 205 -25.38 7.25 16.93
C VAL B 205 -26.34 8.32 16.46
N ILE B 206 -27.41 7.92 15.77
CA ILE B 206 -28.47 8.86 15.39
C ILE B 206 -29.05 9.56 16.62
N ARG B 207 -29.30 8.81 17.71
CA ARG B 207 -29.97 9.39 18.88
C ARG B 207 -29.08 10.40 19.60
N MET B 208 -27.79 10.08 19.74
CA MET B 208 -26.83 10.97 20.43
C MET B 208 -27.30 11.14 21.86
N GLN B 209 -27.96 10.11 22.39
CA GLN B 209 -28.49 10.19 23.77
C GLN B 209 -27.49 9.54 24.72
N ASP B 210 -26.81 8.50 24.26
CA ASP B 210 -25.86 7.78 25.13
C ASP B 210 -24.55 8.56 25.17
N LYS B 211 -23.67 8.25 26.12
CA LYS B 211 -22.33 8.87 26.11
C LYS B 211 -21.51 8.08 25.10
N ASN B 212 -20.40 8.64 24.63
CA ASN B 212 -19.62 7.95 23.58
C ASN B 212 -20.59 7.20 22.66
N PRO B 213 -21.46 7.91 21.92
CA PRO B 213 -22.42 7.25 21.06
C PRO B 213 -21.67 6.35 20.07
N TYR B 214 -20.41 6.68 19.77
CA TYR B 214 -19.62 5.92 18.79
C TYR B 214 -18.84 4.81 19.51
N SER B 215 -18.57 3.71 18.81
CA SER B 215 -17.91 2.55 19.45
C SER B 215 -17.51 1.55 18.38
N PHE B 216 -16.66 0.60 18.72
CA PHE B 216 -16.39 -0.42 17.72
C PHE B 216 -17.69 -0.84 17.05
N GLN B 217 -18.74 -1.03 17.84
CA GLN B 217 -20.00 -1.52 17.31
C GLN B 217 -20.72 -0.50 16.44
N SER B 218 -20.40 0.77 16.58
CA SER B 218 -20.99 1.77 15.66
C SER B 218 -20.44 1.53 14.27
N ASP B 219 -19.15 1.21 14.20
CA ASP B 219 -18.47 0.98 12.90
C ASP B 219 -18.86 -0.39 12.36
N VAL B 220 -19.30 -1.28 13.24
CA VAL B 220 -19.78 -2.62 12.78
C VAL B 220 -21.15 -2.43 12.15
N TYR B 221 -21.95 -1.49 12.67
CA TYR B 221 -23.25 -1.20 12.02
C TYR B 221 -22.97 -0.55 10.69
N ALA B 222 -22.03 0.39 10.68
CA ALA B 222 -21.67 1.00 9.40
C ALA B 222 -21.27 -0.08 8.39
N PHE B 223 -20.41 -1.00 8.84
CA PHE B 223 -20.00 -2.12 8.02
C PHE B 223 -21.19 -2.98 7.61
N GLY B 224 -22.15 -3.19 8.53
CA GLY B 224 -23.35 -3.93 8.19
C GLY B 224 -24.11 -3.28 7.04
N ILE B 225 -24.20 -1.96 7.05
CA ILE B 225 -24.83 -1.24 5.94
C ILE B 225 -24.02 -1.41 4.65
N VAL B 226 -22.69 -1.37 4.74
CA VAL B 226 -21.89 -1.60 3.54
C VAL B 226 -22.12 -3.01 2.99
N LEU B 227 -22.22 -4.02 3.86
CA LEU B 227 -22.61 -5.36 3.44
C LEU B 227 -23.93 -5.32 2.69
N TYR B 228 -24.93 -4.65 3.27
CA TYR B 228 -26.21 -4.48 2.60
C TYR B 228 -26.01 -4.02 1.16
N GLU B 229 -25.28 -2.90 0.99
CA GLU B 229 -25.05 -2.37 -0.36
C GLU B 229 -24.44 -3.41 -1.26
N LEU B 230 -23.46 -4.15 -0.74
CA LEU B 230 -22.81 -5.17 -1.56
C LEU B 230 -23.83 -6.24 -1.98
N MET B 231 -24.68 -6.68 -1.06
CA MET B 231 -25.57 -7.82 -1.30
C MET B 231 -26.86 -7.45 -2.03
N THR B 232 -27.21 -6.18 -2.08
CA THR B 232 -28.37 -5.73 -2.83
C THR B 232 -28.01 -4.84 -4.02
N GLY B 233 -26.73 -4.52 -4.23
CA GLY B 233 -26.34 -3.51 -5.18
C GLY B 233 -27.01 -2.17 -4.91
N GLN B 234 -27.64 -2.04 -3.74
CA GLN B 234 -28.59 -0.97 -3.45
C GLN B 234 -28.30 -0.28 -2.11
N LEU B 235 -28.86 0.94 -1.99
CA LEU B 235 -28.84 1.77 -0.81
C LEU B 235 -30.00 1.40 0.11
N PRO B 236 -29.82 1.47 1.42
CA PRO B 236 -30.94 1.20 2.32
C PRO B 236 -31.98 2.28 2.19
N TYR B 237 -33.20 1.93 2.60
CA TYR B 237 -34.32 2.86 2.66
C TYR B 237 -34.53 3.54 1.31
N SER B 238 -34.19 2.85 0.22
CA SER B 238 -34.26 3.45 -1.11
C SER B 238 -35.67 3.87 -1.50
N ASN B 239 -36.73 3.46 -0.77
CA ASN B 239 -38.09 3.88 -1.12
C ASN B 239 -38.57 5.09 -0.32
N ILE B 240 -37.74 5.66 0.57
CA ILE B 240 -38.09 6.84 1.34
C ILE B 240 -37.26 8.03 0.83
N ASN B 241 -37.93 9.16 0.59
CA ASN B 241 -37.21 10.32 0.04
C ASN B 241 -37.08 11.48 1.03
N ASN B 242 -37.23 11.23 2.34
CA ASN B 242 -37.13 12.31 3.34
C ASN B 242 -36.01 11.97 4.32
N ARG B 243 -34.93 12.78 4.31
CA ARG B 243 -33.79 12.52 5.19
C ARG B 243 -34.17 12.62 6.66
N ASP B 244 -34.96 13.65 7.02
CA ASP B 244 -35.32 13.87 8.41
C ASP B 244 -36.13 12.70 8.95
N GLN B 245 -37.03 12.15 8.12
CA GLN B 245 -37.88 11.04 8.54
C GLN B 245 -37.07 9.77 8.73
N ILE B 246 -36.17 9.45 7.79
CA ILE B 246 -35.30 8.29 7.96
C ILE B 246 -34.46 8.41 9.22
N ILE B 247 -33.91 9.60 9.47
CA ILE B 247 -33.16 9.83 10.71
C ILE B 247 -34.02 9.48 11.90
N PHE B 248 -35.20 10.10 11.97
CA PHE B 248 -36.10 9.89 13.12
C PHE B 248 -36.42 8.41 13.29
N MET B 249 -36.93 7.79 12.23
CA MET B 249 -37.34 6.36 12.33
C MET B 249 -36.15 5.50 12.75
N VAL B 250 -35.03 5.53 12.03
CA VAL B 250 -33.96 4.66 12.45
C VAL B 250 -33.63 4.96 13.90
N GLY B 251 -33.79 6.22 14.31
CA GLY B 251 -33.47 6.61 15.68
C GLY B 251 -34.38 5.96 16.70
N ARG B 252 -35.69 5.93 16.42
CA ARG B 252 -36.65 5.30 17.33
C ARG B 252 -36.71 3.78 17.18
N GLY B 253 -36.18 3.22 16.11
CA GLY B 253 -36.33 1.80 15.88
C GLY B 253 -37.48 1.46 14.97
N TYR B 254 -38.17 2.47 14.43
CA TYR B 254 -39.27 2.21 13.52
C TYR B 254 -38.79 1.62 12.20
N LEU B 255 -37.56 1.93 11.81
CA LEU B 255 -37.08 1.65 10.46
C LEU B 255 -35.81 0.82 10.51
N SER B 256 -35.65 -0.09 9.57
CA SER B 256 -34.42 -0.85 9.46
C SER B 256 -34.25 -1.31 8.01
N PRO B 257 -33.02 -1.64 7.60
CA PRO B 257 -32.81 -2.13 6.23
C PRO B 257 -33.63 -3.40 5.98
N ASP B 258 -34.40 -3.38 4.90
CA ASP B 258 -35.09 -4.57 4.42
C ASP B 258 -34.07 -5.56 3.90
N LEU B 259 -33.94 -6.70 4.57
CA LEU B 259 -32.97 -7.75 4.22
C LEU B 259 -33.54 -8.82 3.29
N SER B 260 -34.86 -8.88 3.08
CA SER B 260 -35.38 -9.77 2.06
C SER B 260 -34.94 -9.36 0.66
N LYS B 261 -34.22 -8.24 0.54
CA LYS B 261 -33.75 -7.72 -0.74
C LYS B 261 -32.32 -8.13 -1.07
N VAL B 262 -31.67 -8.99 -0.27
CA VAL B 262 -30.36 -9.50 -0.65
C VAL B 262 -30.52 -10.40 -1.87
N ARG B 263 -29.53 -10.36 -2.75
CA ARG B 263 -29.56 -11.16 -3.97
C ARG B 263 -29.70 -12.64 -3.60
N SER B 264 -30.38 -13.40 -4.46
CA SER B 264 -30.78 -14.76 -4.10
C SER B 264 -29.61 -15.72 -4.03
N ASN B 265 -28.44 -15.34 -4.56
CA ASN B 265 -27.22 -16.12 -4.49
C ASN B 265 -26.32 -15.73 -3.33
N CYS B 266 -26.73 -14.73 -2.55
CA CYS B 266 -26.03 -14.35 -1.32
C CYS B 266 -26.14 -15.48 -0.29
N PRO B 267 -25.02 -16.05 0.18
CA PRO B 267 -25.07 -17.20 1.10
C PRO B 267 -25.86 -16.89 2.37
N LYS B 268 -26.53 -17.92 2.91
CA LYS B 268 -27.30 -17.69 4.13
C LYS B 268 -26.42 -17.13 5.23
N ALA B 269 -25.15 -17.56 5.28
CA ALA B 269 -24.27 -17.09 6.35
C ALA B 269 -23.88 -15.62 6.18
N MET B 270 -23.84 -15.12 4.94
CA MET B 270 -23.54 -13.71 4.71
C MET B 270 -24.73 -12.82 5.10
N LYS B 271 -25.96 -13.27 4.83
CA LYS B 271 -27.16 -12.58 5.32
C LYS B 271 -27.23 -12.60 6.85
N ARG B 272 -26.89 -13.75 7.46
CA ARG B 272 -26.86 -13.87 8.93
C ARG B 272 -25.82 -12.93 9.53
N LEU B 273 -24.65 -12.83 8.91
CA LEU B 273 -23.64 -11.86 9.33
C LEU B 273 -24.14 -10.44 9.17
N MET B 274 -24.81 -10.16 8.06
CA MET B 274 -25.30 -8.83 7.78
C MET B 274 -26.25 -8.38 8.88
N ALA B 275 -27.13 -9.29 9.28
CA ALA B 275 -28.10 -8.96 10.31
C ALA B 275 -27.45 -8.91 11.70
N GLU B 276 -26.45 -9.75 11.97
CA GLU B 276 -25.74 -9.63 13.24
C GLU B 276 -25.10 -8.24 13.35
N CYS B 277 -24.43 -7.79 12.28
CA CYS B 277 -23.82 -6.47 12.29
C CYS B 277 -24.84 -5.35 12.34
N LEU B 278 -26.09 -5.62 11.99
CA LEU B 278 -27.13 -4.59 11.91
C LEU B 278 -28.10 -4.60 13.10
N LYS B 279 -27.81 -5.35 14.17
CA LYS B 279 -28.72 -5.43 15.30
C LYS B 279 -28.87 -4.06 15.94
N LYS B 280 -30.13 -3.70 16.23
CA LYS B 280 -30.41 -2.38 16.80
C LYS B 280 -29.67 -2.16 18.12
N LYS B 281 -29.55 -3.21 18.93
CA LYS B 281 -28.89 -3.13 20.23
C LYS B 281 -27.39 -3.23 20.04
N ARG B 282 -26.68 -2.16 20.43
CA ARG B 282 -25.26 -2.03 20.15
C ARG B 282 -24.48 -3.31 20.50
N ASP B 283 -24.66 -3.83 21.71
CA ASP B 283 -23.81 -4.90 22.21
C ASP B 283 -24.18 -6.28 21.68
N GLU B 284 -25.22 -6.39 20.86
CA GLU B 284 -25.63 -7.66 20.27
C GLU B 284 -24.98 -7.91 18.92
N ARG B 285 -24.18 -6.94 18.41
CA ARG B 285 -23.40 -6.87 17.17
C ARG B 285 -22.02 -7.43 17.40
N PRO B 286 -21.52 -8.19 16.43
CA PRO B 286 -20.19 -8.80 16.55
C PRO B 286 -19.11 -7.76 16.41
N LEU B 287 -17.89 -8.16 16.77
CA LEU B 287 -16.70 -7.37 16.52
C LEU B 287 -15.97 -7.93 15.31
N PHE B 288 -14.99 -7.17 14.82
CA PHE B 288 -14.45 -7.56 13.52
C PHE B 288 -13.64 -8.85 13.56
N PRO B 289 -13.06 -9.28 14.69
CA PRO B 289 -12.45 -10.63 14.69
C PRO B 289 -13.45 -11.72 14.36
N GLN B 290 -14.62 -11.67 15.01
CA GLN B 290 -15.69 -12.62 14.68
CA GLN B 290 -15.70 -12.61 14.68
C GLN B 290 -16.14 -12.44 13.23
N ILE B 291 -16.30 -11.19 12.77
CA ILE B 291 -16.79 -10.93 11.42
C ILE B 291 -15.80 -11.47 10.39
N LEU B 292 -14.52 -11.22 10.60
CA LEU B 292 -13.55 -11.64 9.57
C LEU B 292 -13.63 -13.16 9.43
N ALA B 293 -13.48 -13.87 10.54
CA ALA B 293 -13.52 -15.34 10.51
C ALA B 293 -14.73 -15.80 9.74
N SER B 294 -15.90 -15.33 10.12
CA SER B 294 -17.16 -15.72 9.43
C SER B 294 -16.95 -15.62 7.91
N ILE B 295 -16.56 -14.45 7.43
CA ILE B 295 -16.42 -14.26 5.95
C ILE B 295 -15.39 -15.25 5.44
N GLU B 296 -14.30 -15.42 6.15
CA GLU B 296 -13.21 -16.31 5.68
C GLU B 296 -13.75 -17.73 5.56
N LEU B 297 -14.70 -18.11 6.42
CA LEU B 297 -15.31 -19.45 6.28
C LEU B 297 -16.20 -19.42 5.05
N LEU B 298 -17.07 -18.41 4.95
CA LEU B 298 -17.94 -18.27 3.75
C LEU B 298 -17.06 -18.52 2.54
N ALA B 299 -15.87 -17.92 2.54
CA ALA B 299 -14.97 -18.06 1.39
C ALA B 299 -14.69 -19.54 1.15
N ARG B 300 -14.11 -20.21 2.13
CA ARG B 300 -13.71 -21.63 1.92
C ARG B 300 -14.84 -22.33 1.19
N SER B 301 -16.09 -21.98 1.49
CA SER B 301 -17.24 -22.69 0.91
C SER B 301 -17.73 -21.99 -0.36
N LEU B 302 -16.81 -21.41 -1.14
CA LEU B 302 -17.18 -20.73 -2.40
C LEU B 302 -15.97 -20.71 -3.34
C1 29L C . 12.10 -10.04 1.30
C2 29L C . 12.46 -9.09 2.25
C3 29L C . 11.52 -8.74 3.21
C4 29L C . 10.26 -9.33 3.23
C5 29L C . 9.92 -10.28 2.28
C6 29L C . 10.84 -10.63 1.31
C7 29L C . 10.51 -11.65 0.29
C8 29L C . 11.41 -12.58 -0.16
N9 29L C . 10.77 -13.34 -1.06
N10 29L C . 9.48 -12.95 -1.22
C11 29L C . 9.32 -11.92 -0.39
C12 29L C . 8.01 -11.24 -0.32
C13 29L C . 7.90 -9.87 -0.16
C14 29L C . 6.65 -9.29 -0.10
N15 29L C . 5.51 -9.98 -0.22
C16 29L C . 5.62 -11.30 -0.38
C17 29L C . 6.82 -11.96 -0.44
C18 29L C . 11.29 -14.47 -1.83
C19 29L C . 12.76 -14.32 -2.14
O20 29L C . 12.97 -13.32 -3.11
C21 29L C . 9.45 -8.78 4.37
C22 29L C . 10.47 -8.01 5.22
C23 29L C . 11.63 -7.78 4.31
N24 29L C . 12.54 -6.89 4.46
O25 29L C . 12.12 -5.64 3.96
C1 29L D . -11.09 11.26 0.54
C2 29L D . -10.42 11.54 1.73
C3 29L D . -9.05 11.75 1.67
C4 29L D . -8.36 11.66 0.46
C5 29L D . -9.03 11.37 -0.71
C6 29L D . -10.41 11.16 -0.67
C7 29L D . -11.17 10.88 -1.90
C8 29L D . -12.42 11.41 -2.12
N9 29L D . -12.84 10.98 -3.31
N10 29L D . -11.90 10.17 -3.90
C11 29L D . -10.90 10.11 -3.04
C12 29L D . -9.70 9.30 -3.37
C13 29L D . -8.99 8.61 -2.41
C14 29L D . -7.89 7.87 -2.79
N15 29L D . -7.46 7.77 -4.05
C16 29L D . -8.15 8.43 -4.97
C17 29L D . -9.26 9.20 -4.69
C18 29L D . -14.10 11.26 -3.99
C19 29L D . -15.15 11.77 -3.04
O20 29L D . -15.42 10.79 -2.05
C21 29L D . -6.89 11.91 0.66
C22 29L D . -6.77 12.35 2.14
C23 29L D . -8.12 12.06 2.75
N24 29L D . -8.39 12.10 4.00
O25 29L D . -7.88 10.97 4.68
CL CL E . 5.32 5.60 10.37
CL CL F . -21.97 2.60 19.34
#